data_1J01
#
_entry.id   1J01
#
_cell.length_a   86.996
_cell.length_b   86.996
_cell.length_c   80.364
_cell.angle_alpha   90.00
_cell.angle_beta   90.00
_cell.angle_gamma   90.00
#
_symmetry.space_group_name_H-M   'P 41 21 2'
#
loop_
_entity.id
_entity.type
_entity.pdbx_description
1 polymer beta-1,4-xylanase
2 non-polymer '(3S,4R)-3-hydroxy-2-oxopiperidin-4-yl beta-D-xylopyranoside'
3 water water
#
_entity_poly.entity_id   1
_entity_poly.type   'polypeptide(L)'
_entity_poly.pdbx_seq_one_letter_code
;ATTLKEAADGAGRDFGFALDPNRLSEAQYKAIADSEFNLVVAENAMKWDATEPSQNSFSFGAGDRVASYAADTGKELYGH
TLVWHSQLPDWAKNLNGSAFESAMVNHVTKVADHFEGKVASWDVVNEAFADGGGRRQDSAFQQKLGNGYIETAFRAARAA
DPTAKLCINDYNVEGINAKSNSLYDLVKDFKARGVPLDCVGFQSHLIVGQVPGDFRQNLQRFADLGVDVRITELDIRMRT
PSDATKLATQAADYKKVVQACMQVTRCQGVTVWGITDKYSWVPDVFPGEGAALVWDASYAKKPAYAAVMEAF
;
_entity_poly.pdbx_strand_id   A
#
# COMPACT_ATOMS: atom_id res chain seq x y z
N ALA A 1 -16.20 9.07 -19.53
CA ALA A 1 -15.97 8.68 -18.12
C ALA A 1 -16.44 9.78 -17.16
N THR A 2 -17.31 9.40 -16.21
CA THR A 2 -17.84 10.34 -15.22
C THR A 2 -17.26 10.11 -13.83
N THR A 3 -16.60 8.97 -13.64
CA THR A 3 -15.98 8.65 -12.35
C THR A 3 -14.59 8.05 -12.59
N LEU A 4 -13.72 8.18 -11.58
CA LEU A 4 -12.38 7.63 -11.68
C LEU A 4 -12.46 6.11 -11.77
N LYS A 5 -13.57 5.58 -11.23
CA LYS A 5 -13.81 4.15 -11.25
C LYS A 5 -13.93 3.59 -12.67
N GLU A 6 -14.82 4.16 -13.48
CA GLU A 6 -14.99 3.64 -14.83
C GLU A 6 -13.79 4.00 -15.70
N ALA A 7 -13.10 5.08 -15.35
CA ALA A 7 -11.92 5.49 -16.10
C ALA A 7 -10.86 4.41 -15.89
N ALA A 8 -10.64 4.03 -14.63
CA ALA A 8 -9.68 2.98 -14.32
C ALA A 8 -10.19 1.66 -14.89
N ASP A 9 -11.50 1.44 -14.81
CA ASP A 9 -12.10 0.22 -15.34
C ASP A 9 -11.78 0.10 -16.84
N GLY A 10 -11.97 1.20 -17.55
CA GLY A 10 -11.71 1.21 -18.99
C GLY A 10 -10.25 0.98 -19.34
N ALA A 11 -9.35 1.32 -18.43
CA ALA A 11 -7.92 1.13 -18.69
C ALA A 11 -7.46 -0.25 -18.24
N GLY A 12 -8.41 -1.10 -17.85
CA GLY A 12 -8.06 -2.44 -17.40
C GLY A 12 -7.18 -2.41 -16.16
N ARG A 13 -7.38 -1.41 -15.32
CA ARG A 13 -6.58 -1.25 -14.11
C ARG A 13 -7.42 -0.97 -12.86
N ASP A 14 -6.75 -0.97 -11.71
CA ASP A 14 -7.39 -0.71 -10.43
C ASP A 14 -7.15 0.71 -9.92
N PHE A 15 -8.17 1.26 -9.28
CA PHE A 15 -8.04 2.57 -8.67
C PHE A 15 -8.68 2.37 -7.31
N GLY A 16 -7.86 2.28 -6.27
CA GLY A 16 -8.40 2.06 -4.94
C GLY A 16 -8.13 3.12 -3.92
N PHE A 17 -8.66 2.89 -2.72
CA PHE A 17 -8.49 3.82 -1.62
C PHE A 17 -8.30 3.08 -0.31
N ALA A 18 -7.70 3.74 0.67
CA ALA A 18 -7.48 3.15 1.98
C ALA A 18 -8.73 3.45 2.79
N LEU A 19 -9.38 2.39 3.28
CA LEU A 19 -10.63 2.53 4.02
C LEU A 19 -10.56 2.46 5.54
N ASP A 20 -11.32 3.34 6.19
CA ASP A 20 -11.47 3.35 7.64
C ASP A 20 -12.94 2.96 7.72
N PRO A 21 -13.21 1.71 8.12
CA PRO A 21 -14.56 1.16 8.25
C PRO A 21 -15.55 2.04 9.00
N ASN A 22 -15.07 2.72 10.03
CA ASN A 22 -15.91 3.59 10.85
C ASN A 22 -16.53 4.72 10.04
N ARG A 23 -15.83 5.14 8.99
CA ARG A 23 -16.30 6.24 8.17
C ARG A 23 -17.44 5.88 7.20
N LEU A 24 -17.70 4.59 7.04
CA LEU A 24 -18.75 4.16 6.13
C LEU A 24 -20.12 4.66 6.57
N SER A 25 -20.23 5.06 7.84
CA SER A 25 -21.47 5.57 8.39
C SER A 25 -21.61 7.05 8.02
N GLU A 26 -20.58 7.60 7.39
CA GLU A 26 -20.58 8.99 6.94
C GLU A 26 -21.02 8.95 5.49
N ALA A 27 -22.25 9.40 5.24
CA ALA A 27 -22.87 9.38 3.90
C ALA A 27 -22.02 9.82 2.72
N GLN A 28 -21.49 11.04 2.77
CA GLN A 28 -20.67 11.54 1.67
C GLN A 28 -19.45 10.66 1.46
N TYR A 29 -18.84 10.22 2.55
CA TYR A 29 -17.66 9.35 2.49
C TYR A 29 -18.02 8.08 1.73
N LYS A 30 -19.10 7.44 2.15
CA LYS A 30 -19.54 6.21 1.51
C LYS A 30 -19.89 6.42 0.04
N ALA A 31 -20.55 7.53 -0.28
CA ALA A 31 -20.95 7.80 -1.66
C ALA A 31 -19.75 7.84 -2.59
N ILE A 32 -18.66 8.46 -2.14
CA ILE A 32 -17.44 8.56 -2.93
C ILE A 32 -16.76 7.19 -2.99
N ALA A 33 -16.60 6.56 -1.84
CA ALA A 33 -15.99 5.23 -1.76
C ALA A 33 -16.73 4.27 -2.70
N ASP A 34 -18.06 4.28 -2.63
CA ASP A 34 -18.89 3.42 -3.47
C ASP A 34 -18.76 3.66 -4.95
N SER A 35 -18.68 4.93 -5.35
CA SER A 35 -18.65 5.26 -6.76
C SER A 35 -17.34 5.60 -7.47
N GLU A 36 -16.32 6.00 -6.73
CA GLU A 36 -15.07 6.39 -7.37
C GLU A 36 -13.92 5.39 -7.37
N PHE A 37 -14.10 4.22 -6.76
CA PHE A 37 -13.02 3.25 -6.72
C PHE A 37 -13.47 1.84 -7.07
N ASN A 38 -12.51 1.01 -7.50
CA ASN A 38 -12.82 -0.38 -7.80
C ASN A 38 -11.94 -1.32 -6.97
N LEU A 39 -11.23 -0.74 -6.01
CA LEU A 39 -10.37 -1.54 -5.13
C LEU A 39 -10.35 -0.89 -3.76
N VAL A 40 -10.19 -1.70 -2.71
CA VAL A 40 -10.14 -1.18 -1.35
C VAL A 40 -9.11 -1.90 -0.50
N VAL A 41 -8.46 -1.13 0.36
CA VAL A 41 -7.46 -1.67 1.27
C VAL A 41 -7.75 -1.12 2.66
N ALA A 42 -7.46 -1.91 3.68
CA ALA A 42 -7.70 -1.45 5.04
C ALA A 42 -6.56 -0.51 5.41
N GLU A 43 -6.89 0.74 5.71
CA GLU A 43 -5.86 1.70 6.08
C GLU A 43 -5.15 1.23 7.35
N ASN A 44 -5.90 0.58 8.25
CA ASN A 44 -5.37 0.10 9.53
C ASN A 44 -5.91 -1.23 10.04
N ALA A 45 -7.14 -1.57 9.68
CA ALA A 45 -7.82 -2.78 10.17
C ALA A 45 -7.14 -4.13 10.02
N MET A 46 -6.18 -4.26 9.11
CA MET A 46 -5.52 -5.54 8.91
C MET A 46 -4.05 -5.56 9.34
N LYS A 47 -3.60 -4.53 10.04
CA LYS A 47 -2.24 -4.47 10.53
C LYS A 47 -2.10 -5.37 11.75
N TRP A 48 -0.86 -5.62 12.16
CA TRP A 48 -0.60 -6.51 13.29
C TRP A 48 -1.29 -6.09 14.58
N ASP A 49 -1.10 -4.84 14.99
CA ASP A 49 -1.70 -4.35 16.23
C ASP A 49 -3.22 -4.51 16.23
N ALA A 50 -3.83 -4.43 15.06
CA ALA A 50 -5.29 -4.54 14.96
C ALA A 50 -5.79 -5.98 14.86
N THR A 51 -4.95 -6.87 14.37
CA THR A 51 -5.34 -8.27 14.19
C THR A 51 -4.90 -9.24 15.28
N GLU A 52 -3.80 -8.93 15.98
CA GLU A 52 -3.32 -9.79 17.05
C GLU A 52 -2.84 -8.93 18.20
N PRO A 53 -3.76 -8.25 18.91
CA PRO A 53 -3.45 -7.38 20.04
C PRO A 53 -2.67 -8.06 21.15
N SER A 54 -2.94 -9.34 21.37
CA SER A 54 -2.25 -10.14 22.37
C SER A 54 -1.81 -11.40 21.64
N GLN A 55 -0.70 -11.98 22.05
CA GLN A 55 -0.19 -13.18 21.39
C GLN A 55 -1.23 -14.30 21.29
N ASN A 56 -1.41 -14.83 20.08
CA ASN A 56 -2.34 -15.92 19.81
C ASN A 56 -3.80 -15.55 20.02
N SER A 57 -4.08 -14.26 20.14
CA SER A 57 -5.45 -13.79 20.32
C SER A 57 -5.74 -12.85 19.16
N PHE A 58 -6.52 -13.31 18.19
CA PHE A 58 -6.82 -12.50 17.02
C PHE A 58 -8.14 -11.74 17.07
N SER A 59 -8.13 -10.56 16.46
CA SER A 59 -9.29 -9.70 16.43
C SER A 59 -9.56 -9.32 14.97
N PHE A 60 -10.44 -10.06 14.30
CA PHE A 60 -10.74 -9.81 12.90
C PHE A 60 -11.97 -8.95 12.62
N GLY A 61 -12.60 -8.42 13.66
CA GLY A 61 -13.79 -7.61 13.49
C GLY A 61 -13.65 -6.48 12.49
N ALA A 62 -12.68 -5.60 12.73
CA ALA A 62 -12.44 -4.46 11.85
C ALA A 62 -12.06 -4.94 10.44
N GLY A 63 -11.17 -5.92 10.36
CA GLY A 63 -10.76 -6.43 9.07
C GLY A 63 -11.90 -7.04 8.28
N ASP A 64 -12.77 -7.77 8.96
CA ASP A 64 -13.91 -8.39 8.29
C ASP A 64 -14.86 -7.34 7.71
N ARG A 65 -15.01 -6.23 8.41
CA ARG A 65 -15.89 -5.16 7.94
C ARG A 65 -15.37 -4.63 6.61
N VAL A 66 -14.05 -4.42 6.54
CA VAL A 66 -13.41 -3.94 5.32
C VAL A 66 -13.59 -4.96 4.21
N ALA A 67 -13.40 -6.24 4.54
CA ALA A 67 -13.56 -7.32 3.56
C ALA A 67 -15.00 -7.38 3.05
N SER A 68 -15.95 -7.25 3.97
CA SER A 68 -17.36 -7.29 3.63
C SER A 68 -17.71 -6.11 2.73
N TYR A 69 -17.17 -4.93 3.04
CA TYR A 69 -17.45 -3.76 2.21
C TYR A 69 -17.02 -4.02 0.76
N ALA A 70 -15.87 -4.66 0.58
CA ALA A 70 -15.36 -4.96 -0.75
C ALA A 70 -16.27 -5.93 -1.50
N ALA A 71 -16.64 -7.03 -0.83
CA ALA A 71 -17.51 -8.03 -1.44
C ALA A 71 -18.89 -7.47 -1.71
N ASP A 72 -19.39 -6.68 -0.78
CA ASP A 72 -20.71 -6.08 -0.91
C ASP A 72 -20.85 -5.07 -2.04
N THR A 73 -19.76 -4.38 -2.37
CA THR A 73 -19.82 -3.38 -3.44
C THR A 73 -19.07 -3.82 -4.71
N GLY A 74 -18.62 -5.06 -4.71
CA GLY A 74 -17.92 -5.60 -5.87
C GLY A 74 -16.56 -5.00 -6.16
N LYS A 75 -15.78 -4.67 -5.13
CA LYS A 75 -14.46 -4.11 -5.34
C LYS A 75 -13.39 -5.14 -5.02
N GLU A 76 -12.22 -5.03 -5.65
CA GLU A 76 -11.11 -5.95 -5.37
C GLU A 76 -10.65 -5.63 -3.96
N LEU A 77 -10.13 -6.62 -3.25
CA LEU A 77 -9.65 -6.41 -1.87
C LEU A 77 -8.13 -6.58 -1.81
N TYR A 78 -7.44 -5.58 -1.26
CA TYR A 78 -5.99 -5.59 -1.12
C TYR A 78 -5.63 -5.69 0.37
N GLY A 79 -4.73 -6.60 0.71
CA GLY A 79 -4.34 -6.78 2.10
C GLY A 79 -3.09 -6.04 2.53
N HIS A 80 -3.19 -5.31 3.63
CA HIS A 80 -2.08 -4.54 4.18
C HIS A 80 -2.17 -4.60 5.70
N THR A 81 -1.19 -5.17 6.40
CA THR A 81 0.03 -5.78 5.86
C THR A 81 0.43 -6.83 6.91
N LEU A 82 1.01 -7.94 6.46
CA LEU A 82 1.39 -9.01 7.37
C LEU A 82 2.58 -8.78 8.28
N VAL A 83 3.72 -8.42 7.71
CA VAL A 83 4.94 -8.18 8.46
C VAL A 83 5.41 -6.74 8.28
N TRP A 84 5.40 -5.97 9.36
CA TRP A 84 5.82 -4.57 9.33
C TRP A 84 6.38 -4.18 10.69
N HIS A 85 7.45 -3.40 10.70
CA HIS A 85 8.08 -2.98 11.95
C HIS A 85 7.25 -1.99 12.75
N SER A 86 6.39 -1.24 12.07
CA SER A 86 5.55 -0.25 12.73
C SER A 86 4.22 -0.83 13.17
N GLN A 87 3.60 -0.20 14.16
CA GLN A 87 2.32 -0.66 14.70
C GLN A 87 2.42 -2.14 15.06
N LEU A 88 3.51 -2.48 15.73
CA LEU A 88 3.79 -3.84 16.19
C LEU A 88 3.64 -3.82 17.72
N PRO A 89 2.69 -4.61 18.25
CA PRO A 89 2.42 -4.69 19.69
C PRO A 89 3.69 -4.93 20.51
N ASP A 90 3.68 -4.50 21.77
CA ASP A 90 4.83 -4.69 22.64
C ASP A 90 5.10 -6.16 22.93
N TRP A 91 4.04 -6.97 23.07
CA TRP A 91 4.25 -8.37 23.37
C TRP A 91 5.14 -9.04 22.32
N ALA A 92 5.02 -8.58 21.08
CA ALA A 92 5.82 -9.12 19.99
C ALA A 92 7.25 -8.58 20.10
N LYS A 93 7.37 -7.29 20.38
CA LYS A 93 8.68 -6.66 20.51
C LYS A 93 9.47 -7.25 21.69
N ASN A 94 8.77 -7.89 22.62
CA ASN A 94 9.42 -8.47 23.79
C ASN A 94 9.94 -9.88 23.54
N LEU A 95 9.48 -10.50 22.46
CA LEU A 95 9.93 -11.85 22.13
C LEU A 95 11.27 -11.78 21.42
N ASN A 96 12.02 -12.87 21.46
CA ASN A 96 13.31 -12.92 20.79
C ASN A 96 13.58 -14.31 20.23
N GLY A 97 14.61 -14.41 19.39
CA GLY A 97 14.98 -15.68 18.80
C GLY A 97 13.83 -16.53 18.32
N SER A 98 13.87 -17.81 18.65
CA SER A 98 12.85 -18.78 18.26
C SER A 98 11.43 -18.27 18.53
N ALA A 99 11.21 -17.75 19.73
CA ALA A 99 9.90 -17.24 20.12
C ALA A 99 9.37 -16.21 19.12
N PHE A 100 10.20 -15.23 18.79
CA PHE A 100 9.80 -14.19 17.84
C PHE A 100 9.50 -14.80 16.47
N GLU A 101 10.46 -15.56 15.94
CA GLU A 101 10.28 -16.20 14.64
C GLU A 101 8.92 -16.92 14.61
N SER A 102 8.67 -17.73 15.61
CA SER A 102 7.43 -18.49 15.72
C SER A 102 6.18 -17.60 15.70
N ALA A 103 6.26 -16.46 16.38
CA ALA A 103 5.13 -15.54 16.44
C ALA A 103 4.93 -14.86 15.09
N MET A 104 6.02 -14.59 14.38
CA MET A 104 5.92 -13.95 13.08
C MET A 104 5.25 -14.92 12.11
N VAL A 105 5.78 -16.13 12.03
CA VAL A 105 5.22 -17.14 11.14
C VAL A 105 3.75 -17.40 11.49
N ASN A 106 3.45 -17.45 12.78
CA ASN A 106 2.08 -17.68 13.21
C ASN A 106 1.16 -16.53 12.80
N HIS A 107 1.63 -15.29 12.96
CA HIS A 107 0.81 -14.15 12.59
C HIS A 107 0.45 -14.22 11.10
N VAL A 108 1.47 -14.43 10.27
CA VAL A 108 1.29 -14.52 8.84
C VAL A 108 0.27 -15.59 8.47
N THR A 109 0.47 -16.79 8.99
CA THR A 109 -0.41 -17.92 8.73
C THR A 109 -1.85 -17.69 9.14
N LYS A 110 -2.07 -17.20 10.36
CA LYS A 110 -3.42 -16.97 10.85
C LYS A 110 -4.17 -15.87 10.10
N VAL A 111 -3.50 -14.77 9.82
CA VAL A 111 -4.14 -13.66 9.12
C VAL A 111 -4.37 -14.00 7.65
N ALA A 112 -3.38 -14.61 7.01
CA ALA A 112 -3.51 -15.01 5.60
C ALA A 112 -4.67 -15.99 5.47
N ASP A 113 -4.68 -17.00 6.34
CA ASP A 113 -5.76 -18.01 6.32
C ASP A 113 -7.12 -17.38 6.53
N HIS A 114 -7.23 -16.52 7.53
CA HIS A 114 -8.51 -15.90 7.80
C HIS A 114 -9.12 -15.19 6.61
N PHE A 115 -8.31 -14.47 5.83
CA PHE A 115 -8.83 -13.74 4.68
C PHE A 115 -8.67 -14.46 3.33
N GLU A 116 -8.24 -15.72 3.39
CA GLU A 116 -8.05 -16.50 2.18
C GLU A 116 -9.32 -16.55 1.33
N GLY A 117 -9.16 -16.26 0.03
CA GLY A 117 -10.30 -16.28 -0.87
C GLY A 117 -10.97 -14.92 -0.95
N LYS A 118 -10.63 -14.03 -0.02
CA LYS A 118 -11.20 -12.69 0.00
C LYS A 118 -10.13 -11.68 -0.41
N VAL A 119 -8.99 -11.70 0.28
CA VAL A 119 -7.89 -10.81 -0.08
C VAL A 119 -7.22 -11.37 -1.32
N ALA A 120 -7.15 -10.57 -2.38
CA ALA A 120 -6.54 -11.00 -3.63
C ALA A 120 -5.02 -10.83 -3.66
N SER A 121 -4.50 -9.83 -2.94
CA SER A 121 -3.07 -9.58 -2.88
C SER A 121 -2.71 -9.10 -1.48
N TRP A 122 -1.49 -9.42 -1.04
CA TRP A 122 -1.01 -9.02 0.29
C TRP A 122 0.32 -8.29 0.25
N ASP A 123 0.45 -7.26 1.07
CA ASP A 123 1.73 -6.60 1.23
C ASP A 123 2.24 -7.53 2.33
N VAL A 124 2.94 -8.59 1.95
CA VAL A 124 3.43 -9.54 2.94
C VAL A 124 4.45 -8.88 3.87
N VAL A 125 5.43 -8.21 3.27
CA VAL A 125 6.43 -7.49 4.06
C VAL A 125 6.36 -6.03 3.63
N ASN A 126 6.44 -5.12 4.60
CA ASN A 126 6.38 -3.70 4.31
C ASN A 126 7.56 -2.92 4.90
N GLU A 127 8.13 -2.02 4.08
CA GLU A 127 9.24 -1.17 4.52
C GLU A 127 10.43 -1.89 5.13
N ALA A 128 10.99 -2.85 4.40
CA ALA A 128 12.13 -3.61 4.87
C ALA A 128 13.48 -2.92 4.62
N PHE A 129 13.52 -1.97 3.70
CA PHE A 129 14.77 -1.31 3.42
C PHE A 129 14.93 0.08 4.01
N ALA A 130 16.12 0.64 3.87
CA ALA A 130 16.41 1.96 4.41
C ALA A 130 16.75 2.94 3.31
N ASP A 131 16.35 4.19 3.50
CA ASP A 131 16.65 5.23 2.54
C ASP A 131 18.17 5.24 2.47
N GLY A 132 18.72 5.26 1.28
CA GLY A 132 20.17 5.27 1.15
C GLY A 132 20.77 3.90 0.92
N GLY A 133 19.95 2.86 0.99
CA GLY A 133 20.45 1.51 0.76
C GLY A 133 20.50 0.58 1.96
N GLY A 134 20.45 -0.71 1.69
CA GLY A 134 20.50 -1.68 2.77
C GLY A 134 19.17 -1.87 3.48
N ARG A 135 19.21 -2.63 4.58
CA ARG A 135 18.01 -2.93 5.36
C ARG A 135 17.67 -1.86 6.38
N ARG A 136 16.37 -1.77 6.70
CA ARG A 136 15.88 -0.81 7.68
C ARG A 136 16.66 -0.97 8.98
N GLN A 137 17.04 0.14 9.59
CA GLN A 137 17.83 0.15 10.81
C GLN A 137 17.08 0.19 12.14
N ASP A 138 15.76 0.18 12.10
CA ASP A 138 14.98 0.23 13.34
C ASP A 138 13.80 -0.74 13.30
N SER A 139 14.05 -1.94 12.81
CA SER A 139 13.00 -2.96 12.71
C SER A 139 13.22 -4.16 13.61
N ALA A 140 12.19 -4.50 14.39
CA ALA A 140 12.28 -5.65 15.30
C ALA A 140 12.61 -6.94 14.52
N PHE A 141 12.02 -7.08 13.34
CA PHE A 141 12.25 -8.27 12.52
C PHE A 141 13.67 -8.35 12.00
N GLN A 142 14.20 -7.23 11.53
CA GLN A 142 15.56 -7.18 11.01
C GLN A 142 16.58 -7.40 12.12
N GLN A 143 16.29 -6.84 13.28
CA GLN A 143 17.18 -6.94 14.43
C GLN A 143 17.16 -8.32 15.09
N LYS A 144 15.98 -8.91 15.20
CA LYS A 144 15.85 -10.22 15.83
C LYS A 144 16.06 -11.42 14.91
N LEU A 145 15.74 -11.27 13.63
CA LEU A 145 15.85 -12.39 12.69
C LEU A 145 16.87 -12.24 11.56
N GLY A 146 17.41 -11.05 11.36
CA GLY A 146 18.36 -10.88 10.29
C GLY A 146 17.71 -10.88 8.92
N ASN A 147 18.53 -10.95 7.88
CA ASN A 147 18.05 -10.90 6.50
C ASN A 147 17.03 -11.94 6.04
N GLY A 148 17.01 -13.11 6.68
CA GLY A 148 16.10 -14.16 6.28
C GLY A 148 14.64 -14.08 6.64
N TYR A 149 14.24 -13.10 7.45
CA TYR A 149 12.83 -13.00 7.85
C TYR A 149 11.89 -12.73 6.68
N ILE A 150 12.38 -11.99 5.67
CA ILE A 150 11.53 -11.67 4.52
C ILE A 150 11.14 -12.93 3.76
N GLU A 151 12.13 -13.73 3.40
CA GLU A 151 11.85 -14.97 2.67
C GLU A 151 10.93 -15.88 3.49
N THR A 152 11.16 -15.94 4.79
CA THR A 152 10.35 -16.77 5.66
C THR A 152 8.88 -16.35 5.65
N ALA A 153 8.65 -15.03 5.68
CA ALA A 153 7.29 -14.50 5.66
C ALA A 153 6.61 -14.87 4.35
N PHE A 154 7.29 -14.67 3.23
CA PHE A 154 6.69 -15.01 1.94
C PHE A 154 6.39 -16.49 1.80
N ARG A 155 7.29 -17.35 2.25
CA ARG A 155 7.03 -18.78 2.16
C ARG A 155 5.85 -19.16 3.03
N ALA A 156 5.78 -18.58 4.23
CA ALA A 156 4.69 -18.87 5.16
C ALA A 156 3.36 -18.34 4.63
N ALA A 157 3.41 -17.20 3.94
CA ALA A 157 2.19 -16.63 3.37
C ALA A 157 1.69 -17.53 2.22
N ARG A 158 2.60 -17.93 1.35
CA ARG A 158 2.26 -18.79 0.22
C ARG A 158 1.70 -20.11 0.73
N ALA A 159 2.28 -20.62 1.82
CA ALA A 159 1.81 -21.88 2.39
C ALA A 159 0.38 -21.74 2.92
N ALA A 160 0.06 -20.59 3.50
CA ALA A 160 -1.29 -20.37 4.03
C ALA A 160 -2.28 -20.02 2.92
N ASP A 161 -1.83 -19.24 1.94
CA ASP A 161 -2.70 -18.86 0.83
C ASP A 161 -2.02 -19.20 -0.48
N PRO A 162 -2.37 -20.34 -1.07
CA PRO A 162 -1.79 -20.81 -2.33
C PRO A 162 -1.87 -19.88 -3.54
N THR A 163 -2.94 -19.10 -3.65
CA THR A 163 -3.11 -18.26 -4.84
C THR A 163 -3.00 -16.74 -4.72
N ALA A 164 -3.06 -16.21 -3.50
CA ALA A 164 -2.98 -14.76 -3.33
C ALA A 164 -1.70 -14.18 -3.93
N LYS A 165 -1.79 -12.98 -4.50
CA LYS A 165 -0.60 -12.31 -5.03
C LYS A 165 0.17 -11.77 -3.83
N LEU A 166 1.39 -12.26 -3.64
CA LEU A 166 2.22 -11.84 -2.50
C LEU A 166 3.16 -10.72 -2.90
N CYS A 167 3.01 -9.55 -2.26
CA CYS A 167 3.86 -8.41 -2.59
C CYS A 167 4.75 -7.93 -1.46
N ILE A 168 5.82 -7.23 -1.83
CA ILE A 168 6.70 -6.60 -0.86
C ILE A 168 6.46 -5.14 -1.21
N ASN A 169 6.28 -4.37 -0.05
CA ASN A 169 5.98 -2.94 -0.20
C ASN A 169 7.03 -2.08 0.51
N ASP A 170 7.21 -0.75 -0.18
CA ASP A 170 8.08 0.23 0.46
C ASP A 170 7.83 1.63 -0.09
N TYR A 171 8.48 2.63 0.51
CA TYR A 171 8.35 4.02 0.09
C TYR A 171 9.72 4.57 -0.28
N ASN A 172 9.75 5.67 -1.03
CA ASN A 172 11.00 6.27 -1.46
C ASN A 172 11.77 5.27 -2.33
N VAL A 173 11.02 4.52 -3.13
CA VAL A 173 11.58 3.53 -4.04
C VAL A 173 10.89 3.70 -5.39
N GLU A 174 10.19 4.81 -5.55
CA GLU A 174 9.48 5.09 -6.79
C GLU A 174 10.45 5.34 -7.94
N GLY A 175 11.57 5.98 -7.63
CA GLY A 175 12.56 6.25 -8.65
C GLY A 175 13.76 5.34 -8.44
N ILE A 176 14.71 5.37 -9.37
CA ILE A 176 15.89 4.53 -9.22
C ILE A 176 16.84 5.20 -8.23
N ASN A 177 17.12 4.50 -7.14
CA ASN A 177 18.02 5.01 -6.12
C ASN A 177 18.57 3.85 -5.29
N ALA A 178 19.44 4.16 -4.34
CA ALA A 178 20.03 3.12 -3.51
C ALA A 178 18.98 2.26 -2.82
N LYS A 179 17.87 2.86 -2.43
CA LYS A 179 16.83 2.11 -1.74
C LYS A 179 16.13 1.17 -2.72
N SER A 180 15.69 1.69 -3.85
CA SER A 180 15.00 0.84 -4.84
C SER A 180 15.96 -0.19 -5.42
N ASN A 181 17.25 0.15 -5.47
CA ASN A 181 18.25 -0.78 -5.99
C ASN A 181 18.34 -2.01 -5.07
N SER A 182 18.38 -1.78 -3.77
CA SER A 182 18.45 -2.88 -2.82
C SER A 182 17.19 -3.73 -2.93
N LEU A 183 16.05 -3.07 -3.11
CA LEU A 183 14.77 -3.76 -3.23
C LEU A 183 14.79 -4.60 -4.52
N TYR A 184 15.35 -4.02 -5.57
CA TYR A 184 15.46 -4.65 -6.87
C TYR A 184 16.27 -5.95 -6.74
N ASP A 185 17.40 -5.89 -6.04
CA ASP A 185 18.25 -7.06 -5.86
C ASP A 185 17.51 -8.19 -5.15
N LEU A 186 16.75 -7.84 -4.12
CA LEU A 186 15.97 -8.80 -3.35
C LEU A 186 14.97 -9.49 -4.28
N VAL A 187 14.26 -8.70 -5.08
CA VAL A 187 13.25 -9.26 -6.00
C VAL A 187 13.89 -10.17 -7.03
N LYS A 188 15.01 -9.76 -7.59
CA LYS A 188 15.71 -10.56 -8.59
C LYS A 188 16.14 -11.88 -7.96
N ASP A 189 16.64 -11.81 -6.73
CA ASP A 189 17.10 -12.97 -5.98
C ASP A 189 15.94 -13.94 -5.77
N PHE A 190 14.86 -13.45 -5.17
CA PHE A 190 13.68 -14.27 -4.90
C PHE A 190 13.15 -14.98 -6.15
N LYS A 191 12.98 -14.25 -7.24
CA LYS A 191 12.47 -14.89 -8.46
C LYS A 191 13.46 -15.97 -8.93
N ALA A 192 14.76 -15.69 -8.76
CA ALA A 192 15.80 -16.64 -9.17
C ALA A 192 15.78 -17.95 -8.37
N ARG A 193 15.55 -17.85 -7.05
CA ARG A 193 15.50 -19.02 -6.20
C ARG A 193 14.11 -19.62 -6.04
N GLY A 194 13.14 -19.07 -6.75
CA GLY A 194 11.78 -19.58 -6.67
C GLY A 194 11.05 -19.24 -5.39
N VAL A 195 11.46 -18.18 -4.70
CA VAL A 195 10.78 -17.80 -3.47
C VAL A 195 9.46 -17.14 -3.88
N PRO A 196 8.34 -17.57 -3.27
CA PRO A 196 7.02 -16.99 -3.58
C PRO A 196 7.06 -15.46 -3.52
N LEU A 197 6.80 -14.81 -4.64
CA LEU A 197 6.82 -13.36 -4.73
C LEU A 197 6.20 -13.02 -6.08
N ASP A 198 5.12 -12.23 -6.07
CA ASP A 198 4.43 -11.93 -7.32
C ASP A 198 4.31 -10.46 -7.65
N CYS A 199 4.59 -9.58 -6.70
CA CYS A 199 4.41 -8.16 -6.94
C CYS A 199 5.22 -7.24 -6.04
N VAL A 200 5.33 -5.99 -6.46
CA VAL A 200 6.04 -4.98 -5.69
C VAL A 200 5.13 -3.76 -5.58
N GLY A 201 4.91 -3.32 -4.35
CA GLY A 201 4.06 -2.15 -4.13
C GLY A 201 4.85 -0.90 -3.83
N PHE A 202 4.62 0.14 -4.61
CA PHE A 202 5.32 1.40 -4.41
C PHE A 202 4.37 2.34 -3.68
N GLN A 203 4.57 2.50 -2.38
CA GLN A 203 3.69 3.35 -1.57
C GLN A 203 3.39 4.68 -2.25
N SER A 204 4.42 5.32 -2.76
CA SER A 204 4.28 6.59 -3.45
C SER A 204 3.77 7.74 -2.59
N HIS A 205 4.33 7.86 -1.38
CA HIS A 205 3.97 8.96 -0.49
C HIS A 205 4.96 10.03 -0.96
N LEU A 206 4.51 10.85 -1.89
CA LEU A 206 5.37 11.87 -2.49
C LEU A 206 5.09 13.28 -2.00
N ILE A 207 5.96 14.20 -2.39
CA ILE A 207 5.84 15.60 -2.03
C ILE A 207 5.54 16.34 -3.33
N VAL A 208 4.64 17.32 -3.27
CA VAL A 208 4.25 18.07 -4.45
C VAL A 208 5.46 18.68 -5.16
N GLY A 209 5.46 18.59 -6.48
CA GLY A 209 6.56 19.12 -7.26
C GLY A 209 7.83 18.30 -7.04
N GLN A 210 7.65 17.00 -6.80
CA GLN A 210 8.80 16.13 -6.58
C GLN A 210 8.57 14.67 -6.99
N VAL A 211 7.84 14.49 -8.09
CA VAL A 211 7.59 13.16 -8.61
C VAL A 211 8.84 12.75 -9.38
N PRO A 212 9.40 11.58 -9.08
CA PRO A 212 10.61 11.10 -9.76
C PRO A 212 10.44 11.05 -11.27
N GLY A 213 11.40 11.61 -12.00
CA GLY A 213 11.34 11.61 -13.45
C GLY A 213 11.53 10.24 -14.07
N ASP A 214 12.12 9.31 -13.32
CA ASP A 214 12.36 7.97 -13.83
C ASP A 214 11.39 6.95 -13.23
N PHE A 215 10.24 7.42 -12.77
CA PHE A 215 9.22 6.56 -12.17
C PHE A 215 8.87 5.41 -13.10
N ARG A 216 8.48 5.74 -14.33
CA ARG A 216 8.13 4.74 -15.33
C ARG A 216 9.26 3.74 -15.54
N GLN A 217 10.45 4.25 -15.80
CA GLN A 217 11.62 3.41 -16.04
C GLN A 217 11.83 2.42 -14.91
N ASN A 218 11.75 2.92 -13.69
CA ASN A 218 11.93 2.09 -12.49
C ASN A 218 10.82 1.04 -12.39
N LEU A 219 9.59 1.44 -12.66
CA LEU A 219 8.48 0.50 -12.60
C LEU A 219 8.69 -0.60 -13.65
N GLN A 220 9.20 -0.21 -14.81
CA GLN A 220 9.43 -1.15 -15.90
C GLN A 220 10.51 -2.20 -15.62
N ARG A 221 11.61 -1.79 -14.99
CA ARG A 221 12.69 -2.74 -14.69
C ARG A 221 12.24 -3.77 -13.65
N PHE A 222 11.35 -3.37 -12.76
CA PHE A 222 10.87 -4.32 -11.77
C PHE A 222 9.94 -5.30 -12.46
N ALA A 223 9.02 -4.77 -13.27
CA ALA A 223 8.08 -5.60 -14.01
C ALA A 223 8.84 -6.60 -14.87
N ASP A 224 9.98 -6.16 -15.41
CA ASP A 224 10.78 -7.03 -16.27
C ASP A 224 11.45 -8.17 -15.51
N LEU A 225 11.35 -8.16 -14.19
CA LEU A 225 11.92 -9.24 -13.37
C LEU A 225 10.89 -10.37 -13.31
N GLY A 226 9.70 -10.08 -13.82
CA GLY A 226 8.65 -11.09 -13.82
C GLY A 226 7.68 -10.98 -12.67
N VAL A 227 7.34 -9.75 -12.29
CA VAL A 227 6.40 -9.51 -11.20
C VAL A 227 5.56 -8.30 -11.55
N ASP A 228 4.34 -8.23 -11.02
CA ASP A 228 3.46 -7.09 -11.27
C ASP A 228 3.93 -5.96 -10.37
N VAL A 229 3.55 -4.74 -10.70
CA VAL A 229 3.90 -3.58 -9.90
C VAL A 229 2.63 -2.78 -9.64
N ARG A 230 2.61 -1.98 -8.57
CA ARG A 230 1.42 -1.23 -8.24
C ARG A 230 1.76 -0.06 -7.32
N ILE A 231 1.02 1.04 -7.45
CA ILE A 231 1.19 2.20 -6.59
C ILE A 231 0.16 1.92 -5.52
N THR A 232 0.61 1.75 -4.29
CA THR A 232 -0.28 1.36 -3.20
C THR A 232 -0.73 2.36 -2.15
N GLU A 233 -0.02 3.46 -1.96
CA GLU A 233 -0.42 4.42 -0.92
C GLU A 233 -0.19 5.86 -1.39
N LEU A 234 -0.63 6.13 -2.60
CA LEU A 234 -0.44 7.44 -3.20
C LEU A 234 -1.11 8.62 -2.52
N ASP A 235 -0.30 9.64 -2.25
CA ASP A 235 -0.74 10.92 -1.70
C ASP A 235 0.44 11.86 -1.91
N ILE A 236 0.14 13.10 -2.27
CA ILE A 236 1.18 14.07 -2.56
C ILE A 236 1.13 15.28 -1.63
N ARG A 237 1.98 15.18 -0.60
CA ARG A 237 2.18 16.12 0.48
C ARG A 237 2.58 17.55 0.05
N MET A 238 1.95 18.56 0.66
CA MET A 238 2.30 19.95 0.35
C MET A 238 2.35 20.76 1.65
N ARG A 239 3.02 21.91 1.60
CA ARG A 239 3.11 22.79 2.76
C ARG A 239 1.74 23.46 2.87
N THR A 240 1.12 23.39 4.04
CA THR A 240 -0.20 24.00 4.23
C THR A 240 -0.12 25.43 4.75
N PRO A 241 -1.15 26.25 4.49
CA PRO A 241 -2.38 25.89 3.74
C PRO A 241 -2.14 25.73 2.24
N SER A 242 -3.13 25.18 1.55
CA SER A 242 -3.02 24.98 0.12
C SER A 242 -3.45 26.25 -0.60
N ASP A 243 -2.99 26.40 -1.84
CA ASP A 243 -3.35 27.54 -2.67
C ASP A 243 -3.46 27.05 -4.10
N ALA A 244 -4.02 27.87 -4.99
CA ALA A 244 -4.20 27.49 -6.38
C ALA A 244 -2.94 26.91 -7.02
N THR A 245 -1.81 27.60 -6.85
CA THR A 245 -0.55 27.17 -7.43
C THR A 245 -0.12 25.78 -6.99
N LYS A 246 -0.14 25.55 -5.68
CA LYS A 246 0.26 24.25 -5.15
C LYS A 246 -0.74 23.16 -5.53
N LEU A 247 -2.01 23.53 -5.64
CA LEU A 247 -3.03 22.57 -6.02
C LEU A 247 -2.85 22.17 -7.49
N ALA A 248 -2.42 23.13 -8.30
CA ALA A 248 -2.20 22.88 -9.73
C ALA A 248 -1.00 21.96 -9.90
N THR A 249 0.08 22.25 -9.20
CA THR A 249 1.29 21.43 -9.27
C THR A 249 0.90 20.01 -8.85
N GLN A 250 0.20 19.90 -7.72
CA GLN A 250 -0.24 18.61 -7.22
C GLN A 250 -1.02 17.84 -8.28
N ALA A 251 -1.85 18.54 -9.02
CA ALA A 251 -2.65 17.94 -10.07
C ALA A 251 -1.72 17.39 -11.15
N ALA A 252 -0.72 18.17 -11.52
CA ALA A 252 0.23 17.75 -12.54
C ALA A 252 0.98 16.52 -12.04
N ASP A 253 1.25 16.48 -10.74
CA ASP A 253 1.96 15.36 -10.14
C ASP A 253 1.15 14.08 -10.20
N TYR A 254 -0.11 14.15 -9.76
CA TYR A 254 -0.98 12.99 -9.79
C TYR A 254 -1.03 12.44 -11.21
N LYS A 255 -1.06 13.34 -12.19
CA LYS A 255 -1.12 12.93 -13.58
C LYS A 255 0.12 12.10 -13.92
N LYS A 256 1.29 12.61 -13.53
CA LYS A 256 2.56 11.94 -13.79
C LYS A 256 2.57 10.50 -13.26
N VAL A 257 2.14 10.35 -12.00
CA VAL A 257 2.12 9.04 -11.36
C VAL A 257 1.23 8.04 -12.09
N VAL A 258 -0.02 8.43 -12.32
CA VAL A 258 -0.96 7.56 -13.01
C VAL A 258 -0.43 7.23 -14.42
N GLN A 259 0.16 8.22 -15.08
CA GLN A 259 0.71 8.01 -16.43
C GLN A 259 1.85 6.99 -16.43
N ALA A 260 2.71 7.05 -15.41
CA ALA A 260 3.82 6.12 -15.32
C ALA A 260 3.27 4.70 -15.23
N CYS A 261 2.22 4.54 -14.44
CA CYS A 261 1.59 3.24 -14.29
C CYS A 261 0.97 2.80 -15.60
N MET A 262 0.30 3.73 -16.27
CA MET A 262 -0.33 3.44 -17.55
C MET A 262 0.65 2.99 -18.62
N GLN A 263 1.89 3.47 -18.53
CA GLN A 263 2.92 3.14 -19.51
C GLN A 263 3.65 1.84 -19.22
N VAL A 264 3.29 1.16 -18.13
CA VAL A 264 3.90 -0.12 -17.79
C VAL A 264 2.78 -1.17 -17.81
N THR A 265 2.86 -2.09 -18.76
CA THR A 265 1.85 -3.12 -18.93
C THR A 265 1.55 -3.93 -17.67
N ARG A 266 2.55 -4.09 -16.80
CA ARG A 266 2.40 -4.85 -15.57
C ARG A 266 1.95 -4.03 -14.35
N CYS A 267 1.73 -2.73 -14.54
CA CYS A 267 1.28 -1.93 -13.41
C CYS A 267 -0.21 -2.15 -13.23
N GLN A 268 -0.57 -2.90 -12.19
CA GLN A 268 -1.96 -3.23 -11.90
C GLN A 268 -2.87 -2.04 -11.67
N GLY A 269 -2.30 -0.93 -11.17
CA GLY A 269 -3.12 0.24 -10.92
C GLY A 269 -2.58 1.13 -9.80
N VAL A 270 -3.42 2.07 -9.36
CA VAL A 270 -3.04 3.02 -8.33
C VAL A 270 -4.04 3.06 -7.18
N THR A 271 -3.53 3.09 -5.96
CA THR A 271 -4.37 3.15 -4.76
C THR A 271 -3.94 4.40 -3.98
N VAL A 272 -4.88 5.28 -3.67
CA VAL A 272 -4.57 6.50 -2.91
C VAL A 272 -4.82 6.23 -1.44
N TRP A 273 -3.95 6.75 -0.58
CA TRP A 273 -4.05 6.51 0.84
C TRP A 273 -5.12 7.35 1.55
N GLY A 274 -6.37 7.12 1.17
CA GLY A 274 -7.48 7.85 1.75
C GLY A 274 -8.29 8.55 0.68
N ILE A 275 -9.42 9.12 1.09
CA ILE A 275 -10.30 9.83 0.15
C ILE A 275 -10.21 11.35 0.34
N THR A 276 -10.45 11.79 1.57
CA THR A 276 -10.45 13.22 1.87
C THR A 276 -9.34 13.70 2.79
N ASP A 277 -8.91 14.95 2.58
CA ASP A 277 -7.87 15.54 3.41
C ASP A 277 -8.33 15.62 4.86
N LYS A 278 -9.65 15.59 5.05
CA LYS A 278 -10.23 15.66 6.38
C LYS A 278 -9.72 14.52 7.27
N TYR A 279 -9.38 13.39 6.66
CA TYR A 279 -8.90 12.24 7.44
C TYR A 279 -7.48 11.78 7.11
N SER A 280 -6.87 12.41 6.12
CA SER A 280 -5.51 12.06 5.72
C SER A 280 -4.59 11.97 6.93
N TRP A 281 -3.70 10.98 6.90
CA TRP A 281 -2.76 10.73 7.99
C TRP A 281 -1.56 11.68 8.01
N VAL A 282 -1.38 12.46 6.95
CA VAL A 282 -0.23 13.34 6.85
C VAL A 282 -0.01 14.40 7.93
N PRO A 283 -0.96 15.35 8.09
CA PRO A 283 -0.82 16.40 9.10
C PRO A 283 -0.25 16.00 10.48
N ASP A 284 -0.79 14.94 11.06
CA ASP A 284 -0.31 14.51 12.37
C ASP A 284 1.08 13.89 12.35
N VAL A 285 1.53 13.46 11.18
CA VAL A 285 2.84 12.83 11.04
C VAL A 285 3.90 13.79 10.49
N PHE A 286 3.48 14.69 9.60
CA PHE A 286 4.38 15.65 8.99
C PHE A 286 3.93 17.06 9.32
N PRO A 287 4.39 17.61 10.44
CA PRO A 287 4.02 18.97 10.86
C PRO A 287 4.14 19.99 9.74
N GLY A 288 3.08 20.78 9.54
CA GLY A 288 3.10 21.79 8.52
C GLY A 288 2.83 21.29 7.11
N GLU A 289 2.59 19.99 6.98
CA GLU A 289 2.30 19.40 5.67
C GLU A 289 0.92 18.75 5.66
N GLY A 290 0.36 18.62 4.46
CA GLY A 290 -0.97 18.03 4.33
C GLY A 290 -1.59 18.26 2.96
N ALA A 291 -2.93 18.33 2.93
CA ALA A 291 -3.68 18.54 1.69
C ALA A 291 -3.13 17.65 0.58
N ALA A 292 -2.92 16.38 0.89
CA ALA A 292 -2.33 15.46 -0.07
C ALA A 292 -3.25 14.54 -0.87
N LEU A 293 -4.55 14.58 -0.60
CA LEU A 293 -5.48 13.68 -1.30
C LEU A 293 -6.29 14.32 -2.46
N VAL A 294 -7.10 13.51 -3.13
CA VAL A 294 -7.88 13.99 -4.27
C VAL A 294 -9.09 14.85 -3.90
N TRP A 295 -9.63 14.65 -2.70
CA TRP A 295 -10.77 15.41 -2.20
C TRP A 295 -10.34 16.23 -0.99
N ASP A 296 -10.90 17.42 -0.82
CA ASP A 296 -10.51 18.24 0.32
C ASP A 296 -11.41 17.93 1.51
N ALA A 297 -11.20 18.66 2.60
CA ALA A 297 -11.96 18.46 3.83
C ALA A 297 -13.46 18.56 3.69
N SER A 298 -13.93 19.27 2.66
CA SER A 298 -15.36 19.42 2.43
C SER A 298 -15.88 18.44 1.38
N TYR A 299 -15.01 17.51 0.98
CA TYR A 299 -15.34 16.51 -0.02
C TYR A 299 -15.53 17.11 -1.40
N ALA A 300 -14.76 18.15 -1.69
CA ALA A 300 -14.82 18.80 -2.99
C ALA A 300 -13.68 18.24 -3.83
N LYS A 301 -13.95 17.94 -5.10
CA LYS A 301 -12.91 17.42 -5.98
C LYS A 301 -11.84 18.50 -6.12
N LYS A 302 -10.58 18.12 -5.93
CA LYS A 302 -9.50 19.10 -6.09
C LYS A 302 -9.00 18.95 -7.51
N PRO A 303 -8.13 19.85 -7.98
CA PRO A 303 -7.61 19.75 -9.34
C PRO A 303 -7.06 18.37 -9.69
N ALA A 304 -6.54 17.69 -8.68
CA ALA A 304 -5.98 16.36 -8.87
C ALA A 304 -7.01 15.39 -9.48
N TYR A 305 -8.28 15.59 -9.13
CA TYR A 305 -9.34 14.71 -9.65
C TYR A 305 -9.32 14.63 -11.17
N ALA A 306 -9.50 15.76 -11.83
CA ALA A 306 -9.51 15.81 -13.29
C ALA A 306 -8.21 15.29 -13.89
N ALA A 307 -7.10 15.46 -13.19
CA ALA A 307 -5.82 15.00 -13.67
C ALA A 307 -5.78 13.47 -13.72
N VAL A 308 -6.30 12.84 -12.67
CA VAL A 308 -6.33 11.38 -12.60
C VAL A 308 -7.24 10.85 -13.69
N MET A 309 -8.42 11.46 -13.81
CA MET A 309 -9.40 11.06 -14.82
C MET A 309 -8.73 11.08 -16.20
N GLU A 310 -7.95 12.12 -16.45
CA GLU A 310 -7.27 12.28 -17.73
C GLU A 310 -6.15 11.26 -17.94
N ALA A 311 -5.36 11.05 -16.90
CA ALA A 311 -4.25 10.10 -16.97
C ALA A 311 -4.75 8.70 -17.32
N PHE A 312 -5.87 8.29 -16.72
CA PHE A 312 -6.44 6.98 -16.98
C PHE A 312 -7.05 6.90 -18.38
#